data_7NP5
#
_entry.id   7NP5
#
_cell.length_a   108.223
_cell.length_b   108.223
_cell.length_c   98.797
_cell.angle_alpha   90.000
_cell.angle_beta   90.000
_cell.angle_gamma   120.000
#
_symmetry.space_group_name_H-M   'P 61 2 2'
#
loop_
_entity.id
_entity.type
_entity.pdbx_description
1 polymer 'Nuclear receptor ROR-gamma'
2 non-polymer '4-[[3-[2-chloranyl-6-(trifluoromethyl)phenyl]-5-(1~{H}-pyrrol-3-yl)-1,2-oxazol-4-yl]methoxy]-2-fluoranyl-benzoic acid'
3 water water
#
_entity_poly.entity_id   1
_entity_poly.type   'polypeptide(L)'
_entity_poly.pdbx_seq_one_letter_code
;GSHMASLTEIEHLVQSVCKSYRETCQLRLEDLLRQRSNIFSREEVTGYQRKSMWEMWERCAHHLTEAIQYVVEFAKRLSG
FMELCQNDQIVLLKAGAMEVVLVRMCRAYNADNRTVFFEGKYGGMELFRALGCSELISSIFDFSHSLSALHFSEDEIALY
TALVLINAHRPGLQEKRKVEQLQYNLELAFHHHLHKTHRQSILAKLPPKGKLRSLCSQHVERLQIFQHLHPIVVQAAFPP
LYKELFS
;
_entity_poly.pdbx_strand_id   A
#
loop_
_chem_comp.id
_chem_comp.type
_chem_comp.name
_chem_comp.formula
UKB non-polymer '4-[[3-[2-chloranyl-6-(trifluoromethyl)phenyl]-5-(1~{H}-pyrrol-3-yl)-1,2-oxazol-4-yl]methoxy]-2-fluoranyl-benzoic acid' 'C22 H13 Cl F4 N2 O4'
#
# COMPACT_ATOMS: atom_id res chain seq x y z
N SER A 6 6.46 -25.72 16.32
CA SER A 6 7.50 -24.72 16.16
C SER A 6 7.02 -23.31 16.53
N LEU A 7 6.87 -23.07 17.85
CA LEU A 7 6.37 -21.79 18.32
C LEU A 7 7.33 -20.66 17.98
N THR A 8 8.63 -20.88 18.22
CA THR A 8 9.61 -19.83 17.94
C THR A 8 9.71 -19.52 16.46
N GLU A 9 9.56 -20.54 15.60
CA GLU A 9 9.48 -20.30 14.17
C GLU A 9 8.45 -19.20 13.86
N ILE A 10 7.24 -19.33 14.41
CA ILE A 10 6.22 -18.32 14.17
C ILE A 10 6.66 -16.97 14.72
N GLU A 11 7.16 -16.95 15.96
CA GLU A 11 7.71 -15.71 16.50
C GLU A 11 8.92 -15.20 15.70
N HIS A 12 9.66 -16.10 15.03
CA HIS A 12 10.67 -15.68 14.06
C HIS A 12 10.05 -14.87 12.94
N LEU A 13 9.13 -15.51 12.20
CA LEU A 13 8.53 -14.90 11.02
C LEU A 13 7.97 -13.55 11.34
N VAL A 14 7.45 -13.38 12.57
CA VAL A 14 6.93 -12.09 12.99
C VAL A 14 8.04 -11.05 12.97
N GLN A 15 9.12 -11.32 13.70
CA GLN A 15 10.26 -10.41 13.71
C GLN A 15 10.75 -10.11 12.28
N SER A 16 10.72 -11.10 11.39
CA SER A 16 11.29 -10.91 10.04
C SER A 16 10.34 -10.12 9.12
N VAL A 17 9.03 -10.34 9.22
CA VAL A 17 8.07 -9.48 8.55
C VAL A 17 8.17 -8.05 9.10
N CYS A 18 8.36 -7.94 10.41
CA CYS A 18 8.38 -6.61 11.00
C CYS A 18 9.68 -5.88 10.66
N LYS A 19 10.80 -6.61 10.54
CA LYS A 19 12.04 -6.01 10.09
C LYS A 19 11.94 -5.52 8.65
N SER A 20 11.43 -6.37 7.76
CA SER A 20 11.21 -5.93 6.38
C SER A 20 10.35 -4.69 6.34
N TYR A 21 9.29 -4.66 7.15
CA TYR A 21 8.38 -3.54 7.14
C TYR A 21 9.07 -2.28 7.65
N ARG A 22 9.83 -2.41 8.75
CA ARG A 22 10.53 -1.26 9.30
C ARG A 22 11.50 -0.66 8.27
N GLU A 23 12.18 -1.53 7.53
CA GLU A 23 13.15 -1.10 6.55
C GLU A 23 12.52 -0.49 5.30
N THR A 24 11.23 -0.75 5.06
CA THR A 24 10.62 -0.32 3.80
C THR A 24 9.39 0.57 3.97
N CYS A 25 9.11 1.11 5.16
CA CYS A 25 7.81 1.75 5.34
C CYS A 25 7.82 3.21 4.91
N GLN A 26 8.96 3.74 4.44
CA GLN A 26 9.13 5.07 3.87
C GLN A 26 9.18 6.19 4.91
N LEU A 27 8.18 6.28 5.77
CA LEU A 27 8.19 7.23 6.87
C LEU A 27 7.79 6.51 8.15
N ARG A 28 8.47 6.87 9.24
CA ARG A 28 8.14 6.33 10.55
C ARG A 28 6.80 6.86 11.02
N LEU A 29 6.03 6.01 11.71
CA LEU A 29 4.73 6.43 12.21
C LEU A 29 4.86 7.62 13.17
N GLU A 30 5.92 7.64 13.96
CA GLU A 30 6.10 8.76 14.89
C GLU A 30 6.22 10.07 14.13
N ASP A 31 6.95 10.06 13.01
CA ASP A 31 7.09 11.27 12.20
C ASP A 31 5.76 11.69 11.61
N LEU A 32 5.01 10.74 11.05
CA LEU A 32 3.69 11.06 10.50
C LEU A 32 2.77 11.64 11.57
N LEU A 33 2.81 11.09 12.79
CA LEU A 33 1.91 11.57 13.83
C LEU A 33 2.31 12.96 14.31
N ARG A 34 3.62 13.19 14.46
CA ARG A 34 4.11 14.49 14.92
C ARG A 34 3.85 15.60 13.92
N GLN A 35 3.79 15.28 12.62
CA GLN A 35 3.55 16.29 11.60
C GLN A 35 2.08 16.60 11.40
N ARG A 36 1.18 15.96 12.17
CA ARG A 36 -0.26 16.14 11.94
C ARG A 36 -0.68 17.60 12.06
N SER A 37 0.04 18.39 12.87
CA SER A 37 -0.27 19.80 13.00
C SER A 37 0.30 20.64 11.87
N ASN A 38 1.11 20.05 11.00
CA ASN A 38 1.70 20.75 9.86
C ASN A 38 0.77 20.59 8.66
N ILE A 39 -0.04 21.60 8.39
CA ILE A 39 -1.13 21.52 7.43
C ILE A 39 -0.93 22.59 6.36
N PHE A 40 -1.10 22.21 5.09
CA PHE A 40 -1.02 23.18 4.01
C PHE A 40 -1.95 24.36 4.26
N SER A 41 -1.44 25.56 3.99
CA SER A 41 -2.27 26.76 4.08
C SER A 41 -3.24 26.82 2.90
N ARG A 42 -4.28 27.65 3.05
CA ARG A 42 -5.18 27.88 1.92
C ARG A 42 -4.40 28.36 0.70
N GLU A 43 -3.35 29.16 0.93
CA GLU A 43 -2.51 29.64 -0.16
C GLU A 43 -1.78 28.50 -0.85
N GLU A 44 -1.22 27.58 -0.06
CA GLU A 44 -0.54 26.41 -0.60
C GLU A 44 -1.51 25.45 -1.28
N VAL A 45 -2.74 25.35 -0.78
CA VAL A 45 -3.73 24.50 -1.43
C VAL A 45 -4.05 25.03 -2.82
N THR A 46 -4.24 26.35 -2.94
CA THR A 46 -4.55 26.93 -4.24
C THR A 46 -3.40 26.72 -5.22
N GLY A 47 -2.16 26.82 -4.74
CA GLY A 47 -1.02 26.51 -5.59
C GLY A 47 -1.06 25.12 -6.20
N TYR A 48 -1.50 24.13 -5.41
CA TYR A 48 -1.62 22.78 -5.95
C TYR A 48 -2.81 22.68 -6.90
N GLN A 49 -3.90 23.36 -6.57
CA GLN A 49 -5.10 23.26 -7.40
C GLN A 49 -4.88 23.93 -8.74
N ARG A 50 -3.97 24.90 -8.81
CA ARG A 50 -3.72 25.61 -10.07
C ARG A 50 -2.71 24.90 -10.98
N LYS A 51 -2.06 23.85 -10.48
CA LYS A 51 -1.13 23.10 -11.32
C LYS A 51 -1.88 22.43 -12.46
N SER A 52 -1.16 22.20 -13.55
CA SER A 52 -1.66 21.33 -14.61
C SER A 52 -2.04 19.96 -14.07
N MET A 53 -3.19 19.46 -14.51
CA MET A 53 -3.52 18.02 -14.47
C MET A 53 -2.31 17.13 -14.62
N TRP A 54 -1.54 17.40 -15.66
CA TRP A 54 -0.49 16.49 -16.08
C TRP A 54 0.74 16.64 -15.21
N GLU A 55 0.93 17.81 -14.58
CA GLU A 55 2.00 17.94 -13.60
C GLU A 55 1.62 17.29 -12.28
N MET A 56 0.38 17.46 -11.85
CA MET A 56 -0.09 16.74 -10.67
C MET A 56 0.00 15.24 -10.92
N TRP A 57 -0.32 14.82 -12.15
CA TRP A 57 -0.21 13.42 -12.51
C TRP A 57 1.24 12.96 -12.41
N GLU A 58 2.19 13.76 -12.90
CA GLU A 58 3.59 13.35 -12.85
C GLU A 58 4.05 13.20 -11.41
N ARG A 59 3.71 14.17 -10.55
N ARG A 59 3.70 14.17 -10.56
CA ARG A 59 4.13 14.09 -9.16
CA ARG A 59 4.10 14.12 -9.15
C ARG A 59 3.52 12.89 -8.46
C ARG A 59 3.51 12.90 -8.47
N CYS A 60 2.21 12.70 -8.63
CA CYS A 60 1.54 11.59 -7.96
C CYS A 60 2.01 10.25 -8.49
N ALA A 61 2.17 10.14 -9.82
CA ALA A 61 2.69 8.91 -10.41
C ALA A 61 4.07 8.56 -9.86
N HIS A 62 4.92 9.56 -9.67
CA HIS A 62 6.26 9.24 -9.16
C HIS A 62 6.22 8.84 -7.69
N HIS A 63 5.37 9.48 -6.86
CA HIS A 63 5.23 9.00 -5.49
C HIS A 63 4.69 7.58 -5.46
N LEU A 64 3.81 7.24 -6.40
CA LEU A 64 3.21 5.92 -6.36
C LEU A 64 4.19 4.86 -6.86
N THR A 65 5.00 5.20 -7.85
N THR A 65 5.04 5.17 -7.85
CA THR A 65 6.03 4.29 -8.32
CA THR A 65 6.03 4.16 -8.24
C THR A 65 7.02 3.99 -7.20
C THR A 65 7.02 3.91 -7.11
N GLU A 66 7.43 5.02 -6.45
N GLU A 66 7.47 4.98 -6.44
CA GLU A 66 8.32 4.83 -5.31
CA GLU A 66 8.33 4.85 -5.27
C GLU A 66 7.65 3.96 -4.25
C GLU A 66 7.67 3.97 -4.21
N ALA A 67 6.40 4.26 -3.90
CA ALA A 67 5.67 3.41 -2.95
C ALA A 67 5.63 1.95 -3.39
N ILE A 68 5.37 1.70 -4.68
CA ILE A 68 5.34 0.32 -5.19
C ILE A 68 6.71 -0.33 -5.02
N GLN A 69 7.79 0.43 -5.25
CA GLN A 69 9.13 -0.15 -5.16
C GLN A 69 9.47 -0.54 -3.73
N TYR A 70 8.99 0.23 -2.76
CA TYR A 70 9.19 -0.13 -1.36
C TYR A 70 8.40 -1.37 -1.02
N VAL A 71 7.21 -1.51 -1.60
CA VAL A 71 6.45 -2.75 -1.37
C VAL A 71 7.14 -3.94 -1.99
N VAL A 72 7.73 -3.77 -3.19
CA VAL A 72 8.47 -4.90 -3.76
C VAL A 72 9.63 -5.29 -2.86
N GLU A 73 10.37 -4.29 -2.34
CA GLU A 73 11.47 -4.59 -1.43
C GLU A 73 10.95 -5.27 -0.17
N PHE A 74 9.80 -4.82 0.35
CA PHE A 74 9.14 -5.49 1.47
C PHE A 74 8.96 -6.98 1.19
N ALA A 75 8.33 -7.30 0.04
CA ALA A 75 8.11 -8.70 -0.31
C ALA A 75 9.41 -9.46 -0.44
N LYS A 76 10.42 -8.87 -1.09
CA LYS A 76 11.68 -9.57 -1.31
C LYS A 76 12.35 -9.97 0.01
N ARG A 77 12.09 -9.23 1.07
CA ARG A 77 12.71 -9.45 2.36
C ARG A 77 11.88 -10.36 3.25
N LEU A 78 10.73 -10.82 2.78
CA LEU A 78 9.92 -11.78 3.52
C LEU A 78 10.55 -13.16 3.36
N SER A 79 10.90 -13.78 4.48
CA SER A 79 11.47 -15.11 4.44
C SER A 79 10.58 -16.04 3.65
N GLY A 80 11.12 -16.62 2.58
CA GLY A 80 10.40 -17.53 1.72
C GLY A 80 10.01 -16.94 0.37
N PHE A 81 9.93 -15.61 0.26
CA PHE A 81 9.43 -15.03 -0.99
C PHE A 81 10.40 -15.26 -2.14
N MET A 82 11.69 -15.04 -1.90
CA MET A 82 12.66 -15.25 -2.98
C MET A 82 12.84 -16.72 -3.34
N GLU A 83 12.32 -17.65 -2.53
CA GLU A 83 12.35 -19.05 -2.89
C GLU A 83 11.20 -19.44 -3.82
N LEU A 84 10.17 -18.61 -3.93
CA LEU A 84 9.16 -18.84 -4.94
C LEU A 84 9.77 -18.67 -6.33
N CYS A 85 9.19 -19.33 -7.31
CA CYS A 85 9.68 -19.15 -8.67
C CYS A 85 9.37 -17.74 -9.14
N GLN A 86 10.10 -17.28 -10.17
CA GLN A 86 9.95 -15.90 -10.62
C GLN A 86 8.54 -15.64 -11.11
N ASN A 87 7.95 -16.59 -11.83
CA ASN A 87 6.58 -16.41 -12.30
C ASN A 87 5.64 -16.10 -11.13
N ASP A 88 5.76 -16.88 -10.04
CA ASP A 88 4.85 -16.65 -8.92
C ASP A 88 5.16 -15.34 -8.20
N GLN A 89 6.44 -14.98 -8.06
CA GLN A 89 6.75 -13.68 -7.46
C GLN A 89 6.06 -12.55 -8.23
N ILE A 90 6.11 -12.62 -9.55
CA ILE A 90 5.52 -11.58 -10.38
C ILE A 90 4.00 -11.60 -10.28
N VAL A 91 3.40 -12.79 -10.32
CA VAL A 91 1.94 -12.87 -10.21
C VAL A 91 1.49 -12.21 -8.91
N LEU A 92 2.16 -12.55 -7.80
CA LEU A 92 1.76 -12.00 -6.50
C LEU A 92 1.96 -10.50 -6.43
N LEU A 93 3.10 -10.01 -6.92
CA LEU A 93 3.36 -8.57 -6.87
C LEU A 93 2.43 -7.78 -7.80
N LYS A 94 2.24 -8.27 -9.02
CA LYS A 94 1.29 -7.62 -9.91
C LYS A 94 -0.10 -7.51 -9.25
N ALA A 95 -0.57 -8.58 -8.64
CA ALA A 95 -1.93 -8.53 -8.09
C ALA A 95 -2.03 -7.77 -6.78
N GLY A 96 -0.98 -7.79 -5.97
CA GLY A 96 -1.13 -7.21 -4.65
C GLY A 96 -0.31 -5.99 -4.27
N ALA A 97 0.70 -5.59 -5.06
CA ALA A 97 1.57 -4.53 -4.54
C ALA A 97 0.82 -3.21 -4.40
N MET A 98 -0.06 -2.89 -5.35
CA MET A 98 -0.81 -1.65 -5.20
C MET A 98 -1.87 -1.76 -4.13
N GLU A 99 -2.41 -2.97 -3.89
CA GLU A 99 -3.28 -3.13 -2.73
C GLU A 99 -2.55 -2.76 -1.44
N VAL A 100 -1.30 -3.17 -1.31
CA VAL A 100 -0.52 -2.86 -0.11
C VAL A 100 -0.26 -1.36 -0.01
N VAL A 101 0.08 -0.72 -1.13
CA VAL A 101 0.25 0.73 -1.13
C VAL A 101 -1.00 1.43 -0.61
N LEU A 102 -2.18 0.98 -1.05
CA LEU A 102 -3.40 1.65 -0.59
C LEU A 102 -3.60 1.44 0.91
N VAL A 103 -3.35 0.23 1.41
CA VAL A 103 -3.46 -0.01 2.84
C VAL A 103 -2.46 0.84 3.62
N ARG A 104 -1.22 0.89 3.15
CA ARG A 104 -0.18 1.66 3.82
C ARG A 104 -0.56 3.14 3.96
N MET A 105 -1.39 3.66 3.04
CA MET A 105 -1.82 5.05 3.06
C MET A 105 -2.49 5.44 4.36
N CYS A 106 -3.15 4.48 5.04
CA CYS A 106 -3.91 4.86 6.24
C CYS A 106 -2.99 5.41 7.34
N ARG A 107 -1.72 5.01 7.34
CA ARG A 107 -0.80 5.53 8.35
C ARG A 107 -0.61 7.02 8.21
N ALA A 108 -0.69 7.53 6.98
CA ALA A 108 -0.50 8.93 6.69
C ALA A 108 -1.79 9.72 6.67
N TYR A 109 -2.89 9.11 7.09
CA TYR A 109 -4.20 9.72 7.04
C TYR A 109 -4.61 10.16 8.44
N ASN A 110 -5.12 11.38 8.57
CA ASN A 110 -5.54 11.96 9.85
C ASN A 110 -7.06 12.09 9.83
N ALA A 111 -7.74 11.20 10.56
CA ALA A 111 -9.20 11.17 10.54
C ALA A 111 -9.82 12.38 11.24
N ASP A 112 -9.06 13.07 12.08
CA ASP A 112 -9.61 14.23 12.80
C ASP A 112 -10.05 15.32 11.83
N ASN A 113 -9.26 15.61 10.80
CA ASN A 113 -9.62 16.63 9.83
C ASN A 113 -9.67 16.09 8.40
N ARG A 114 -9.54 14.77 8.22
CA ARG A 114 -9.70 14.14 6.91
C ARG A 114 -8.62 14.59 5.94
N THR A 115 -7.37 14.63 6.43
CA THR A 115 -6.21 15.01 5.64
C THR A 115 -5.22 13.86 5.52
N VAL A 116 -4.37 13.96 4.49
N VAL A 116 -4.37 13.96 4.50
CA VAL A 116 -3.31 13.00 4.23
CA VAL A 116 -3.31 12.99 4.25
C VAL A 116 -1.98 13.75 4.19
C VAL A 116 -1.98 13.73 4.15
N PHE A 117 -0.91 13.04 4.54
CA PHE A 117 0.44 13.59 4.45
C PHE A 117 0.90 13.49 3.00
N PHE A 118 1.13 14.64 2.38
CA PHE A 118 1.49 14.70 0.96
C PHE A 118 2.55 15.78 0.78
N GLU A 119 3.74 15.36 0.35
CA GLU A 119 4.81 16.28 0.00
C GLU A 119 5.11 17.24 1.16
N GLY A 120 5.23 16.67 2.36
CA GLY A 120 5.76 17.39 3.50
C GLY A 120 4.75 17.95 4.47
N LYS A 121 3.47 18.04 4.09
CA LYS A 121 2.42 18.58 4.96
C LYS A 121 1.12 17.80 4.73
N TYR A 122 0.16 18.02 5.63
CA TYR A 122 -1.16 17.43 5.54
C TYR A 122 -2.13 18.31 4.74
N GLY A 123 -2.92 17.67 3.87
CA GLY A 123 -3.94 18.36 3.13
C GLY A 123 -5.12 17.44 2.87
N GLY A 124 -6.28 18.05 2.62
CA GLY A 124 -7.48 17.31 2.31
C GLY A 124 -7.60 16.98 0.83
N MET A 125 -8.75 16.40 0.48
CA MET A 125 -9.00 15.96 -0.90
C MET A 125 -8.88 17.11 -1.88
N GLU A 126 -9.18 18.33 -1.45
CA GLU A 126 -9.23 19.43 -2.40
C GLU A 126 -7.85 19.75 -2.96
N LEU A 127 -6.80 19.21 -2.34
CA LEU A 127 -5.44 19.38 -2.85
C LEU A 127 -5.29 18.78 -4.24
N PHE A 128 -6.07 17.75 -4.56
CA PHE A 128 -5.85 16.98 -5.77
C PHE A 128 -6.84 17.36 -6.87
N ARG A 129 -7.46 18.55 -6.75
CA ARG A 129 -8.52 18.94 -7.67
CA ARG A 129 -8.52 18.94 -7.67
C ARG A 129 -8.06 18.92 -9.13
N ALA A 130 -6.82 19.33 -9.39
CA ALA A 130 -6.38 19.42 -10.79
C ALA A 130 -6.34 18.08 -11.50
N LEU A 131 -6.32 16.96 -10.75
CA LEU A 131 -6.30 15.64 -11.38
C LEU A 131 -7.64 15.29 -12.02
N GLY A 132 -8.72 15.94 -11.60
CA GLY A 132 -10.02 15.65 -12.16
C GLY A 132 -10.51 14.24 -11.92
N CYS A 133 -10.16 13.66 -10.78
CA CYS A 133 -10.47 12.28 -10.41
C CYS A 133 -11.23 12.22 -9.10
N SER A 134 -12.23 13.10 -8.91
CA SER A 134 -12.70 13.36 -7.55
C SER A 134 -13.36 12.14 -6.93
N GLU A 135 -13.97 11.30 -7.75
CA GLU A 135 -14.64 10.10 -7.28
C GLU A 135 -13.63 9.08 -6.77
N LEU A 136 -12.54 8.87 -7.52
CA LEU A 136 -11.49 7.95 -7.10
C LEU A 136 -10.78 8.47 -5.87
N ILE A 137 -10.43 9.76 -5.84
CA ILE A 137 -9.81 10.34 -4.66
C ILE A 137 -10.72 10.21 -3.45
N SER A 138 -12.03 10.43 -3.63
CA SER A 138 -12.95 10.28 -2.51
C SER A 138 -12.95 8.85 -1.98
N SER A 139 -12.88 7.87 -2.90
CA SER A 139 -12.89 6.46 -2.51
C SER A 139 -11.61 6.09 -1.76
N ILE A 140 -10.48 6.70 -2.15
N ILE A 140 -10.48 6.69 -2.14
CA ILE A 140 -9.22 6.43 -1.45
CA ILE A 140 -9.23 6.42 -1.44
C ILE A 140 -9.25 7.03 -0.04
C ILE A 140 -9.25 7.03 -0.04
N PHE A 141 -9.75 8.27 0.08
CA PHE A 141 -9.88 8.90 1.40
C PHE A 141 -10.86 8.11 2.29
N ASP A 142 -12.00 7.72 1.73
CA ASP A 142 -12.98 6.92 2.45
C ASP A 142 -12.36 5.63 2.97
N PHE A 143 -11.62 4.93 2.11
CA PHE A 143 -10.99 3.68 2.51
C PHE A 143 -10.00 3.91 3.64
N SER A 144 -9.10 4.90 3.47
CA SER A 144 -8.18 5.25 4.54
C SER A 144 -8.92 5.64 5.81
N HIS A 145 -10.10 6.26 5.68
CA HIS A 145 -10.86 6.61 6.87
C HIS A 145 -11.34 5.37 7.59
N SER A 146 -11.82 4.38 6.82
CA SER A 146 -12.26 3.11 7.41
C SER A 146 -11.11 2.42 8.14
N LEU A 147 -9.95 2.31 7.48
CA LEU A 147 -8.82 1.64 8.11
C LEU A 147 -8.33 2.39 9.34
N SER A 148 -8.36 3.73 9.29
CA SER A 148 -7.81 4.52 10.38
C SER A 148 -8.57 4.32 11.69
N ALA A 149 -9.86 4.01 11.60
CA ALA A 149 -10.64 3.74 12.80
C ALA A 149 -10.08 2.52 13.57
N LEU A 150 -9.44 1.58 12.87
CA LEU A 150 -8.94 0.39 13.54
C LEU A 150 -7.74 0.67 14.43
N HIS A 151 -7.11 1.84 14.27
CA HIS A 151 -5.87 2.17 14.97
C HIS A 151 -4.82 1.10 14.75
N PHE A 152 -4.68 0.65 13.50
CA PHE A 152 -3.62 -0.29 13.13
C PHE A 152 -2.30 0.04 13.82
N SER A 153 -1.76 -0.94 14.50
CA SER A 153 -0.38 -0.89 14.96
C SER A 153 0.55 -1.27 13.80
N GLU A 154 1.85 -0.97 13.97
CA GLU A 154 2.79 -1.20 12.89
C GLU A 154 2.96 -2.68 12.57
N ASP A 155 2.90 -3.56 13.59
CA ASP A 155 3.05 -4.97 13.28
C ASP A 155 1.78 -5.52 12.65
N GLU A 156 0.62 -4.94 12.97
CA GLU A 156 -0.62 -5.39 12.36
C GLU A 156 -0.63 -5.04 10.89
N ILE A 157 -0.22 -3.82 10.56
CA ILE A 157 -0.11 -3.44 9.16
C ILE A 157 0.89 -4.31 8.44
N ALA A 158 2.06 -4.55 9.05
CA ALA A 158 3.06 -5.41 8.44
C ALA A 158 2.53 -6.83 8.16
N LEU A 159 1.90 -7.45 9.15
CA LEU A 159 1.45 -8.82 8.95
C LEU A 159 0.25 -8.89 8.00
N TYR A 160 -0.69 -7.96 8.15
CA TYR A 160 -1.82 -7.86 7.25
C TYR A 160 -1.36 -7.65 5.81
N THR A 161 -0.43 -6.72 5.57
CA THR A 161 -0.02 -6.51 4.17
C THR A 161 0.82 -7.66 3.64
N ALA A 162 1.58 -8.36 4.50
CA ALA A 162 2.22 -9.59 4.04
C ALA A 162 1.17 -10.57 3.49
N LEU A 163 0.02 -10.67 4.15
CA LEU A 163 -1.05 -11.57 3.69
C LEU A 163 -1.79 -11.04 2.47
N VAL A 164 -1.92 -9.71 2.33
CA VAL A 164 -2.40 -9.17 1.05
C VAL A 164 -1.55 -9.69 -0.09
N LEU A 165 -0.22 -9.69 0.07
CA LEU A 165 0.63 -10.17 -1.01
C LEU A 165 0.58 -11.69 -1.19
N ILE A 166 0.73 -12.44 -0.10
CA ILE A 166 0.98 -13.87 -0.20
C ILE A 166 -0.38 -14.54 -0.16
N ASN A 167 -1.02 -14.61 -1.32
CA ASN A 167 -2.40 -15.10 -1.45
C ASN A 167 -2.35 -16.21 -2.50
N ALA A 168 -2.49 -17.46 -2.06
CA ALA A 168 -2.40 -18.59 -2.98
C ALA A 168 -3.57 -18.67 -3.95
N HIS A 169 -4.58 -17.81 -3.81
CA HIS A 169 -5.73 -17.80 -4.73
C HIS A 169 -5.48 -16.98 -5.99
N ARG A 170 -4.39 -16.21 -6.07
CA ARG A 170 -4.14 -15.43 -7.30
C ARG A 170 -4.10 -16.35 -8.50
N PRO A 171 -4.88 -16.08 -9.55
CA PRO A 171 -4.79 -16.92 -10.77
C PRO A 171 -3.42 -16.80 -11.42
N GLY A 172 -2.98 -17.89 -12.01
CA GLY A 172 -1.73 -17.92 -12.72
C GLY A 172 -0.53 -18.41 -11.94
N LEU A 173 -0.70 -18.88 -10.71
CA LEU A 173 0.45 -19.40 -9.96
C LEU A 173 0.84 -20.78 -10.47
N GLN A 174 2.15 -21.03 -10.51
CA GLN A 174 2.74 -22.27 -10.99
C GLN A 174 3.05 -23.26 -9.86
N GLU A 175 3.44 -22.76 -8.69
CA GLU A 175 3.75 -23.58 -7.51
C GLU A 175 2.79 -23.19 -6.39
N LYS A 176 1.50 -23.51 -6.57
CA LYS A 176 0.48 -23.05 -5.65
C LYS A 176 0.67 -23.60 -4.24
N ARG A 177 1.07 -24.88 -4.12
CA ARG A 177 1.33 -25.43 -2.78
C ARG A 177 2.44 -24.70 -2.05
N LYS A 178 3.41 -24.16 -2.79
N LYS A 178 3.41 -24.16 -2.79
CA LYS A 178 4.49 -23.43 -2.14
CA LYS A 178 4.50 -23.43 -2.12
C LYS A 178 4.03 -22.07 -1.64
C LYS A 178 4.03 -22.07 -1.64
N VAL A 179 3.18 -21.39 -2.43
CA VAL A 179 2.58 -20.15 -1.94
C VAL A 179 1.66 -20.43 -0.75
N GLU A 180 0.90 -21.53 -0.81
CA GLU A 180 0.01 -21.88 0.30
C GLU A 180 0.79 -22.04 1.60
N GLN A 181 1.95 -22.70 1.56
CA GLN A 181 2.73 -22.90 2.78
C GLN A 181 3.16 -21.57 3.40
N LEU A 182 3.62 -20.64 2.57
CA LEU A 182 3.99 -19.34 3.10
C LEU A 182 2.76 -18.60 3.64
N GLN A 183 1.65 -18.67 2.92
CA GLN A 183 0.40 -18.06 3.38
C GLN A 183 -0.02 -18.62 4.74
N TYR A 184 -0.04 -19.94 4.89
CA TYR A 184 -0.47 -20.53 6.18
C TYR A 184 0.40 -20.07 7.33
N ASN A 185 1.72 -20.03 7.12
CA ASN A 185 2.62 -19.60 8.18
C ASN A 185 2.39 -18.13 8.53
N LEU A 186 2.20 -17.28 7.50
CA LEU A 186 1.88 -15.87 7.77
C LEU A 186 0.54 -15.72 8.48
N GLU A 187 -0.46 -16.53 8.11
CA GLU A 187 -1.75 -16.41 8.78
C GLU A 187 -1.62 -16.77 10.24
N LEU A 188 -0.86 -17.83 10.53
CA LEU A 188 -0.64 -18.24 11.92
C LEU A 188 0.10 -17.16 12.68
N ALA A 189 1.11 -16.56 12.04
CA ALA A 189 1.86 -15.45 12.67
C ALA A 189 0.94 -14.29 13.02
N PHE A 190 0.13 -13.86 12.05
CA PHE A 190 -0.80 -12.77 12.28
C PHE A 190 -1.78 -13.12 13.41
N HIS A 191 -2.38 -14.31 13.36
CA HIS A 191 -3.39 -14.65 14.37
C HIS A 191 -2.74 -14.85 15.75
N HIS A 192 -1.53 -15.40 15.78
CA HIS A 192 -0.84 -15.51 17.07
C HIS A 192 -0.54 -14.13 17.62
N HIS A 193 -0.09 -13.22 16.76
CA HIS A 193 0.23 -11.88 17.25
C HIS A 193 -1.01 -11.16 17.77
N LEU A 194 -2.15 -11.28 17.06
CA LEU A 194 -3.36 -10.59 17.53
C LEU A 194 -3.83 -11.17 18.87
N HIS A 195 -3.69 -12.48 19.05
CA HIS A 195 -4.05 -13.08 20.33
C HIS A 195 -3.16 -12.56 21.45
N LYS A 196 -1.85 -12.54 21.22
CA LYS A 196 -0.90 -12.05 22.23
C LYS A 196 -1.17 -10.62 22.66
N THR A 197 -1.66 -9.76 21.74
CA THR A 197 -1.86 -8.35 22.05
C THR A 197 -3.32 -8.03 22.34
N HIS A 198 -4.18 -9.05 22.43
CA HIS A 198 -5.59 -8.85 22.74
C HIS A 198 -6.26 -7.97 21.68
N ARG A 199 -5.92 -8.24 20.43
CA ARG A 199 -6.37 -7.43 19.31
C ARG A 199 -7.11 -8.28 18.28
N GLN A 200 -7.58 -9.47 18.67
CA GLN A 200 -8.32 -10.30 17.71
C GLN A 200 -9.60 -9.64 17.23
N SER A 201 -10.13 -8.66 17.97
CA SER A 201 -11.35 -7.97 17.57
C SER A 201 -11.22 -7.24 16.24
N ILE A 202 -10.01 -6.90 15.79
CA ILE A 202 -9.91 -6.21 14.51
C ILE A 202 -10.18 -7.12 13.34
N LEU A 203 -10.20 -8.45 13.56
CA LEU A 203 -10.38 -9.38 12.45
C LEU A 203 -11.74 -9.18 11.78
N ALA A 204 -12.78 -8.90 12.58
CA ALA A 204 -14.11 -8.67 12.07
C ALA A 204 -14.26 -7.30 11.43
N LYS A 205 -13.30 -6.40 11.66
CA LYS A 205 -13.37 -5.04 11.17
C LYS A 205 -12.47 -4.81 9.95
N LEU A 206 -11.70 -5.81 9.53
CA LEU A 206 -10.85 -5.65 8.36
C LEU A 206 -11.72 -5.46 7.12
N PRO A 207 -11.21 -4.80 6.09
CA PRO A 207 -11.99 -4.56 4.86
C PRO A 207 -12.52 -5.87 4.31
N PRO A 208 -13.81 -5.92 3.94
CA PRO A 208 -14.39 -7.17 3.46
C PRO A 208 -13.68 -7.66 2.20
N LYS A 209 -13.93 -8.94 1.90
CA LYS A 209 -13.38 -9.53 0.69
C LYS A 209 -13.96 -8.81 -0.53
N GLY A 210 -13.07 -8.33 -1.40
CA GLY A 210 -13.48 -7.66 -2.62
C GLY A 210 -13.47 -6.15 -2.57
N LYS A 211 -13.49 -5.55 -1.37
CA LYS A 211 -13.49 -4.09 -1.29
C LYS A 211 -12.12 -3.51 -1.64
N LEU A 212 -11.04 -4.12 -1.14
CA LEU A 212 -9.71 -3.68 -1.49
C LEU A 212 -9.40 -4.02 -2.95
N ARG A 213 -9.86 -5.20 -3.40
CA ARG A 213 -9.72 -5.59 -4.80
C ARG A 213 -10.37 -4.58 -5.73
N SER A 214 -11.60 -4.14 -5.42
CA SER A 214 -12.31 -3.23 -6.32
C SER A 214 -11.70 -1.84 -6.32
N LEU A 215 -11.33 -1.33 -5.15
CA LEU A 215 -10.71 -0.02 -5.11
C LEU A 215 -9.39 -0.03 -5.87
N CYS A 216 -8.60 -1.08 -5.68
CA CYS A 216 -7.32 -1.15 -6.38
C CYS A 216 -7.51 -1.28 -7.88
N SER A 217 -8.49 -2.09 -8.30
CA SER A 217 -8.78 -2.21 -9.74
C SER A 217 -9.11 -0.85 -10.34
N GLN A 218 -9.97 -0.08 -9.67
CA GLN A 218 -10.36 1.23 -10.17
C GLN A 218 -9.16 2.19 -10.17
N HIS A 219 -8.34 2.13 -9.13
CA HIS A 219 -7.14 2.95 -9.03
C HIS A 219 -6.15 2.66 -10.15
N VAL A 220 -5.79 1.39 -10.33
CA VAL A 220 -4.79 1.03 -11.34
C VAL A 220 -5.34 1.32 -12.73
N GLU A 221 -6.63 1.11 -12.93
CA GLU A 221 -7.20 1.43 -14.24
C GLU A 221 -7.06 2.92 -14.55
N ARG A 222 -7.31 3.78 -13.56
CA ARG A 222 -7.09 5.21 -13.77
C ARG A 222 -5.62 5.52 -14.01
N LEU A 223 -4.71 4.88 -13.26
CA LEU A 223 -3.27 5.11 -13.52
C LEU A 223 -2.91 4.69 -14.94
N GLN A 224 -3.48 3.59 -15.43
CA GLN A 224 -3.21 3.14 -16.79
C GLN A 224 -3.71 4.14 -17.82
N ILE A 225 -4.90 4.71 -17.60
CA ILE A 225 -5.41 5.76 -18.50
C ILE A 225 -4.46 6.96 -18.52
N PHE A 226 -4.07 7.45 -17.34
CA PHE A 226 -3.16 8.59 -17.29
C PHE A 226 -1.84 8.29 -17.99
N GLN A 227 -1.32 7.08 -17.78
CA GLN A 227 -0.03 6.71 -18.38
C GLN A 227 -0.16 6.54 -19.89
N HIS A 228 -1.33 6.11 -20.36
CA HIS A 228 -1.60 6.06 -21.79
C HIS A 228 -1.63 7.47 -22.38
N LEU A 229 -2.27 8.40 -21.69
CA LEU A 229 -2.39 9.76 -22.21
C LEU A 229 -1.09 10.55 -22.07
N HIS A 230 -0.33 10.29 -21.00
CA HIS A 230 0.79 11.15 -20.62
C HIS A 230 1.84 10.32 -19.90
N PRO A 231 2.62 9.54 -20.64
CA PRO A 231 3.53 8.58 -19.98
C PRO A 231 4.60 9.25 -19.14
N ILE A 232 4.83 8.70 -17.93
CA ILE A 232 5.89 9.16 -17.03
C ILE A 232 7.11 8.28 -17.25
N VAL A 233 8.26 8.84 -16.94
CA VAL A 233 9.51 8.07 -16.95
C VAL A 233 9.67 7.39 -15.61
N VAL A 234 9.92 6.08 -15.63
CA VAL A 234 9.97 5.26 -14.42
C VAL A 234 11.41 4.87 -14.16
N GLN A 235 11.86 5.07 -12.92
CA GLN A 235 13.18 4.64 -12.46
C GLN A 235 13.09 3.15 -12.17
N ALA A 236 13.14 2.35 -13.23
CA ALA A 236 12.72 0.95 -13.19
C ALA A 236 13.78 0.08 -12.52
N ALA A 237 13.40 -0.59 -11.44
CA ALA A 237 14.31 -1.45 -10.70
C ALA A 237 13.98 -2.93 -10.83
N PHE A 238 12.82 -3.29 -11.38
CA PHE A 238 12.37 -4.68 -11.40
C PHE A 238 11.84 -5.04 -12.78
N PRO A 239 12.73 -5.32 -13.73
CA PRO A 239 12.30 -5.47 -15.14
C PRO A 239 11.15 -6.44 -15.34
N PRO A 240 11.19 -7.66 -14.79
CA PRO A 240 10.05 -8.57 -15.01
C PRO A 240 8.71 -7.98 -14.58
N LEU A 241 8.68 -7.17 -13.52
CA LEU A 241 7.43 -6.58 -13.07
C LEU A 241 7.08 -5.35 -13.90
N TYR A 242 8.06 -4.48 -14.12
CA TYR A 242 7.84 -3.36 -15.03
C TYR A 242 7.22 -3.81 -16.34
N LYS A 243 7.73 -4.91 -16.90
CA LYS A 243 7.23 -5.34 -18.20
C LYS A 243 5.76 -5.74 -18.14
N GLU A 244 5.30 -6.24 -16.98
CA GLU A 244 3.88 -6.59 -16.82
C GLU A 244 2.97 -5.38 -16.67
N LEU A 245 3.49 -4.22 -16.25
CA LEU A 245 2.62 -3.06 -16.00
C LEU A 245 2.70 -2.00 -17.08
N PHE A 246 3.81 -1.96 -17.82
CA PHE A 246 4.08 -0.86 -18.74
C PHE A 246 4.20 -1.37 -20.18
N SER A 247 3.75 -0.55 -21.11
CA SER A 247 3.81 -0.97 -22.52
C SER A 247 3.89 0.22 -23.47
O1 UKB B . 10.66 -0.41 -10.52
O4 UKB B . 0.10 -0.44 -10.84
N2 UKB B . 1.20 -4.07 -9.04
C1 UKB B . 9.98 -1.14 -11.28
C3 UKB B . 7.69 -1.98 -11.87
C4 UKB B . 6.31 -1.86 -11.92
C5 UKB B . 5.70 -0.74 -11.39
C6 UKB B . 3.66 0.38 -10.81
C21 UKB B . 6.46 0.30 -10.83
C22 UKB B . 7.84 0.14 -10.79
C10 UKB B . 2.23 3.58 -11.20
C11 UKB B . 2.50 4.85 -11.67
C12 UKB B . 2.21 5.16 -12.98
C13 UKB B . 1.62 4.22 -13.79
C14 UKB B . 1.32 2.93 -13.34
C15 UKB B . 0.69 1.97 -14.29
C16 UKB B . 1.37 -0.78 -10.56
C17 UKB B . 1.59 -2.08 -9.96
C18 UKB B . 2.83 -2.74 -9.70
C19 UKB B . 2.55 -3.94 -9.13
C2 UKB B . 8.48 -0.98 -11.29
C20 UKB B . 0.60 -2.95 -9.53
C7 UKB B . 2.17 0.28 -10.94
C8 UKB B . 1.34 1.26 -11.47
C9 UKB B . 1.63 2.61 -12.00
F1 UKB B . 1.25 0.76 -14.28
F2 UKB B . 0.79 2.38 -15.55
F3 UKB B . -0.61 1.78 -14.08
F4 UKB B . 8.56 1.14 -10.24
N1 UKB B . 0.09 0.86 -11.40
O2 UKB B . 10.46 -1.94 -12.11
O3 UKB B . 4.33 -0.71 -11.49
CL1 UKB B . 2.61 3.23 -9.58
#